data_5EZ1
#
_entry.id   5EZ1
#
_cell.length_a   61.998
_cell.length_b   61.998
_cell.length_c   366.427
_cell.angle_alpha   90.00
_cell.angle_beta   90.00
_cell.angle_gamma   120.00
#
_symmetry.space_group_name_H-M   'P 31 2 1'
#
loop_
_entity.id
_entity.type
_entity.pdbx_description
1 polymer 'Putative peptidyl-prolyl cis-trans isomerase HP_0175'
2 non-polymer '1H-indole-2-carboxylic acid'
3 water water
#
_entity_poly.entity_id   1
_entity_poly.type   'polypeptide(L)'
_entity_poly.pdbx_seq_one_letter_code
;MGNTKKTTDSSAGVLATVDGRPITKSDFDMIKQRNPNFDFDKLKEKEKEALIDQAIRTALVENEAKTEKLDSTPEFKAMM
EAVKKQALVEFWAKKQAEEVKKVQIPEKEMQDFYNANKDQLFVKQEAHARHILVKTEDEAKRIISEIDKQPKAKKEAKFI
ELANRDTIDPNSKNAQNGGDLGKFQKNQMAPDFSKAAFALTPGDYTKTPVKTEFGYHIIYLISKDSPVTYTYEQAKPTIK
GMLQEKLFQERMNQRIEELRKHAKIVINKLEHHHHHH
;
_entity_poly.pdbx_strand_id   A,B
#
# COMPACT_ATOMS: atom_id res chain seq x y z
N THR A 24 -12.63 -28.61 21.01
CA THR A 24 -13.60 -28.39 22.07
C THR A 24 -14.92 -27.82 21.49
N LYS A 25 -15.97 -27.76 22.32
CA LYS A 25 -17.32 -27.44 21.81
C LYS A 25 -17.99 -26.22 22.44
N SER A 26 -18.45 -25.30 21.61
CA SER A 26 -19.23 -24.16 22.11
C SER A 26 -20.69 -24.43 21.79
N ASP A 27 -21.46 -24.74 22.83
CA ASP A 27 -22.80 -25.30 22.66
C ASP A 27 -22.64 -26.47 21.72
N PHE A 28 -23.10 -26.25 20.51
CA PHE A 28 -22.98 -27.18 19.39
C PHE A 28 -21.64 -27.14 18.61
N ASP A 29 -21.19 -25.94 18.23
CA ASP A 29 -20.05 -25.73 17.33
C ASP A 29 -18.79 -26.53 17.74
N MET A 30 -17.96 -26.93 16.77
CA MET A 30 -16.77 -27.71 17.09
C MET A 30 -15.49 -26.96 16.72
N ILE A 31 -14.47 -27.06 17.58
CA ILE A 31 -13.20 -26.35 17.34
C ILE A 31 -11.95 -27.23 17.36
N LYS A 32 -11.23 -27.28 16.26
CA LYS A 32 -9.93 -27.94 16.23
C LYS A 32 -8.92 -27.14 15.39
N GLU A 45 1.93 -25.01 23.89
CA GLU A 45 2.23 -24.67 25.28
C GLU A 45 0.97 -24.27 26.04
N LYS A 46 1.09 -23.14 26.72
CA LYS A 46 0.00 -22.53 27.47
C LYS A 46 -0.72 -21.51 26.57
N GLU A 47 -0.01 -21.08 25.53
CA GLU A 47 -0.51 -20.16 24.51
C GLU A 47 -1.71 -20.79 23.81
N LYS A 48 -1.67 -22.11 23.75
CA LYS A 48 -2.75 -22.89 23.14
C LYS A 48 -4.09 -22.51 23.76
N GLU A 49 -4.12 -22.44 25.09
CA GLU A 49 -5.32 -22.03 25.80
C GLU A 49 -5.85 -20.68 25.36
N ALA A 50 -4.98 -19.67 25.25
CA ALA A 50 -5.41 -18.34 24.85
C ALA A 50 -6.06 -18.40 23.46
N LEU A 51 -5.44 -19.16 22.57
CA LEU A 51 -6.01 -19.35 21.23
C LEU A 51 -7.41 -19.96 21.25
N ILE A 52 -7.55 -21.02 22.03
CA ILE A 52 -8.84 -21.68 22.19
C ILE A 52 -9.88 -20.70 22.76
N ASP A 53 -9.44 -19.84 23.68
CA ASP A 53 -10.32 -18.81 24.23
C ASP A 53 -10.86 -17.89 23.13
N GLN A 54 -9.97 -17.40 22.27
CA GLN A 54 -10.37 -16.57 21.14
C GLN A 54 -11.33 -17.30 20.20
N ALA A 55 -11.05 -18.58 19.96
CA ALA A 55 -11.90 -19.41 19.12
C ALA A 55 -13.30 -19.57 19.70
N ILE A 56 -13.34 -19.78 21.01
CA ILE A 56 -14.57 -19.90 21.75
C ILE A 56 -15.38 -18.62 21.66
N ARG A 57 -14.72 -17.49 21.86
CA ARG A 57 -15.39 -16.19 21.77
C ARG A 57 -16.00 -16.03 20.37
N THR A 58 -15.23 -16.37 19.37
CA THR A 58 -15.69 -16.30 17.98
C THR A 58 -16.89 -17.23 17.68
N ALA A 59 -16.85 -18.46 18.18
CA ALA A 59 -17.95 -19.38 17.98
C ALA A 59 -19.20 -18.85 18.66
N LEU A 60 -19.03 -18.28 19.85
CA LEU A 60 -20.13 -17.66 20.57
C LEU A 60 -20.79 -16.55 19.74
N VAL A 61 -19.98 -15.68 19.14
CA VAL A 61 -20.53 -14.63 18.28
C VAL A 61 -21.20 -15.21 17.02
N GLU A 62 -20.60 -16.24 16.42
CA GLU A 62 -21.20 -16.88 15.23
C GLU A 62 -22.58 -17.45 15.53
N ASN A 63 -22.64 -18.24 16.59
CA ASN A 63 -23.89 -18.79 17.07
C ASN A 63 -24.93 -17.71 17.35
N GLU A 64 -24.51 -16.64 18.02
CA GLU A 64 -25.45 -15.58 18.30
C GLU A 64 -25.95 -14.87 17.04
N ALA A 65 -25.04 -14.73 16.07
CA ALA A 65 -25.38 -14.06 14.83
C ALA A 65 -26.40 -14.86 14.02
N LYS A 66 -26.19 -16.19 13.95
CA LYS A 66 -27.17 -17.09 13.34
C LYS A 66 -28.51 -17.03 14.10
N THR A 67 -28.48 -17.10 15.43
CA THR A 67 -29.69 -17.00 16.26
C THR A 67 -30.48 -15.74 15.93
N GLU A 68 -29.76 -14.64 15.72
CA GLU A 68 -30.40 -13.38 15.41
C GLU A 68 -30.80 -13.30 13.94
N LYS A 69 -30.51 -14.36 13.19
CA LYS A 69 -30.88 -14.43 11.78
C LYS A 69 -30.22 -13.32 10.92
N LEU A 70 -28.97 -12.97 11.21
CA LEU A 70 -28.31 -11.90 10.47
C LEU A 70 -27.92 -12.36 9.05
N ASP A 71 -27.86 -13.67 8.85
CA ASP A 71 -27.53 -14.20 7.53
C ASP A 71 -28.75 -14.21 6.59
N SER A 72 -29.89 -13.79 7.11
CA SER A 72 -31.12 -13.78 6.33
C SER A 72 -31.49 -12.35 5.95
N THR A 73 -30.69 -11.39 6.37
CA THR A 73 -30.90 -10.03 5.93
C THR A 73 -30.51 -10.00 4.45
N PRO A 74 -31.25 -9.24 3.63
CA PRO A 74 -30.90 -9.03 2.21
C PRO A 74 -29.44 -8.67 1.95
N GLU A 75 -28.84 -7.78 2.75
CA GLU A 75 -27.45 -7.36 2.58
C GLU A 75 -26.52 -8.56 2.69
N PHE A 76 -26.81 -9.42 3.64
CA PHE A 76 -25.98 -10.57 3.89
C PHE A 76 -26.09 -11.55 2.75
N LYS A 77 -27.31 -11.76 2.28
CA LYS A 77 -27.54 -12.68 1.17
C LYS A 77 -26.88 -12.20 -0.13
N ALA A 78 -27.05 -10.91 -0.41
CA ALA A 78 -26.42 -10.23 -1.53
C ALA A 78 -24.89 -10.40 -1.48
N MET A 79 -24.30 -10.12 -0.32
CA MET A 79 -22.85 -10.26 -0.20
C MET A 79 -22.42 -11.71 -0.43
N MET A 80 -23.16 -12.67 0.12
CA MET A 80 -22.81 -14.08 -0.04
C MET A 80 -22.87 -14.50 -1.49
N GLU A 81 -23.87 -14.02 -2.22
CA GLU A 81 -23.92 -14.40 -3.64
C GLU A 81 -22.86 -13.67 -4.49
N ALA A 82 -22.51 -12.44 -4.15
CA ALA A 82 -21.39 -11.78 -4.85
C ALA A 82 -20.11 -12.59 -4.66
N VAL A 83 -19.86 -13.01 -3.42
CA VAL A 83 -18.70 -13.83 -3.12
C VAL A 83 -18.74 -15.14 -3.88
N LYS A 84 -19.92 -15.75 -3.92
CA LYS A 84 -20.14 -17.01 -4.61
C LYS A 84 -19.89 -16.90 -6.11
N LYS A 85 -20.44 -15.87 -6.73
CA LYS A 85 -20.22 -15.63 -8.16
C LYS A 85 -18.72 -15.47 -8.44
N GLN A 86 -18.08 -14.58 -7.67
CA GLN A 86 -16.64 -14.35 -7.79
C GLN A 86 -15.89 -15.67 -7.69
N ALA A 87 -16.23 -16.48 -6.69
CA ALA A 87 -15.44 -17.68 -6.46
C ALA A 87 -15.70 -18.75 -7.53
N LEU A 88 -16.92 -18.81 -8.05
CA LEU A 88 -17.26 -19.75 -9.12
C LEU A 88 -16.44 -19.42 -10.38
N VAL A 89 -16.43 -18.13 -10.71
CA VAL A 89 -15.61 -17.65 -11.81
C VAL A 89 -14.11 -17.96 -11.61
N GLU A 90 -13.58 -17.72 -10.40
CA GLU A 90 -12.16 -18.00 -10.15
C GLU A 90 -11.76 -19.48 -10.16
N PHE A 91 -12.64 -20.37 -9.67
CA PHE A 91 -12.35 -21.80 -9.71
C PHE A 91 -12.38 -22.31 -11.14
N TRP A 92 -13.34 -21.81 -11.92
CA TRP A 92 -13.37 -22.18 -13.32
C TRP A 92 -12.07 -21.71 -14.01
N ALA A 93 -11.69 -20.45 -13.78
CA ALA A 93 -10.42 -19.94 -14.30
C ALA A 93 -9.26 -20.88 -13.91
N LYS A 94 -9.16 -21.24 -12.63
CA LYS A 94 -8.05 -22.10 -12.18
C LYS A 94 -8.05 -23.43 -12.91
N LYS A 95 -9.24 -24.00 -13.10
CA LYS A 95 -9.40 -25.23 -13.87
C LYS A 95 -8.84 -25.10 -15.30
N GLN A 96 -9.21 -24.01 -16.00
CA GLN A 96 -8.70 -23.77 -17.35
C GLN A 96 -7.17 -23.58 -17.38
N ALA A 97 -6.64 -22.88 -16.37
CA ALA A 97 -5.20 -22.66 -16.24
C ALA A 97 -4.46 -23.96 -16.02
N GLU A 98 -5.03 -24.84 -15.20
CA GLU A 98 -4.40 -26.11 -14.93
C GLU A 98 -4.42 -26.99 -16.17
N GLU A 99 -5.44 -26.84 -17.02
CA GLU A 99 -5.42 -27.61 -18.27
C GLU A 99 -4.44 -27.03 -19.29
N VAL A 100 -4.32 -25.70 -19.33
CA VAL A 100 -3.32 -25.08 -20.20
C VAL A 100 -1.88 -25.41 -19.75
N LYS A 101 -1.61 -25.44 -18.45
CA LYS A 101 -0.28 -25.77 -17.94
C LYS A 101 0.24 -27.15 -18.38
N LYS A 102 -0.66 -28.00 -18.86
CA LYS A 102 -0.30 -29.33 -19.35
C LYS A 102 0.26 -29.33 -20.78
N VAL A 103 -0.12 -28.32 -21.57
CA VAL A 103 0.29 -28.23 -22.97
C VAL A 103 1.79 -27.92 -23.17
N GLN A 104 2.42 -28.69 -24.03
CA GLN A 104 3.85 -28.55 -24.28
C GLN A 104 4.12 -27.45 -25.32
N ILE A 105 4.80 -26.39 -24.90
CA ILE A 105 5.13 -25.28 -25.81
C ILE A 105 6.46 -25.58 -26.50
N PRO A 106 6.44 -25.61 -27.84
CA PRO A 106 7.61 -25.93 -28.66
C PRO A 106 8.74 -24.90 -28.54
N GLU A 107 9.98 -25.39 -28.60
CA GLU A 107 11.17 -24.57 -28.47
C GLU A 107 11.18 -23.46 -29.53
N LYS A 108 10.70 -23.76 -30.72
CA LYS A 108 10.77 -22.79 -31.78
C LYS A 108 9.85 -21.62 -31.49
N GLU A 109 8.78 -21.91 -30.77
CA GLU A 109 7.80 -20.87 -30.47
C GLU A 109 8.38 -19.93 -29.41
N MET A 110 9.13 -20.48 -28.46
CA MET A 110 9.76 -19.62 -27.47
C MET A 110 10.93 -18.84 -28.07
N GLN A 111 11.70 -19.46 -28.95
CA GLN A 111 12.79 -18.74 -29.59
C GLN A 111 12.26 -17.65 -30.52
N ASP A 112 11.21 -17.95 -31.27
CA ASP A 112 10.62 -16.92 -32.13
C ASP A 112 9.98 -15.79 -31.32
N PHE A 113 9.40 -16.12 -30.18
CA PHE A 113 8.86 -15.07 -29.33
C PHE A 113 10.03 -14.20 -28.80
N TYR A 114 11.11 -14.84 -28.37
CA TYR A 114 12.32 -14.12 -27.94
C TYR A 114 12.85 -13.17 -29.05
N ASN A 115 12.98 -13.67 -30.27
CA ASN A 115 13.54 -12.86 -31.36
C ASN A 115 12.66 -11.71 -31.73
N ALA A 116 11.36 -11.96 -31.71
CA ALA A 116 10.39 -10.94 -32.09
C ALA A 116 10.14 -9.92 -30.96
N ASN A 117 10.42 -10.26 -29.72
CA ASN A 117 10.07 -9.32 -28.66
C ASN A 117 11.21 -8.96 -27.71
N LYS A 118 12.44 -9.35 -28.00
CA LYS A 118 13.50 -9.07 -27.02
C LYS A 118 13.73 -7.57 -26.81
N ASP A 119 13.71 -6.81 -27.91
CA ASP A 119 14.03 -5.39 -27.89
C ASP A 119 12.94 -4.55 -27.21
N GLN A 120 11.79 -5.18 -26.99
CA GLN A 120 10.68 -4.55 -26.28
C GLN A 120 10.55 -5.09 -24.87
N LEU A 121 10.93 -6.35 -24.66
CA LEU A 121 10.66 -7.02 -23.39
C LEU A 121 11.88 -7.41 -22.59
N PHE A 122 13.02 -7.63 -23.23
CA PHE A 122 14.16 -8.23 -22.51
C PHE A 122 15.46 -7.38 -22.52
N VAL A 123 15.35 -6.10 -22.89
CA VAL A 123 16.48 -5.16 -22.78
C VAL A 123 16.38 -4.27 -21.53
N LYS A 124 17.38 -4.37 -20.67
CA LYS A 124 17.41 -3.56 -19.46
C LYS A 124 18.28 -2.33 -19.70
N GLN A 125 17.68 -1.15 -19.51
CA GLN A 125 18.41 0.11 -19.65
C GLN A 125 17.91 1.24 -18.75
N GLU A 126 18.62 1.52 -17.67
CA GLU A 126 18.22 2.61 -16.78
C GLU A 126 18.70 3.96 -17.29
N ALA A 127 17.80 4.94 -17.32
CA ALA A 127 18.17 6.30 -17.66
C ALA A 127 17.96 7.22 -16.44
N HIS A 128 18.69 8.32 -16.43
CA HIS A 128 18.45 9.38 -15.48
C HIS A 128 18.20 10.64 -16.30
N ALA A 129 17.06 11.26 -16.09
CA ALA A 129 16.74 12.46 -16.86
C ALA A 129 15.99 13.56 -16.09
N ARG A 130 16.02 14.77 -16.63
CA ARG A 130 15.26 15.90 -16.13
C ARG A 130 14.24 16.23 -17.24
N HIS A 131 13.07 16.76 -16.87
CA HIS A 131 12.14 17.20 -17.90
C HIS A 131 11.47 18.49 -17.51
N ILE A 132 10.90 19.16 -18.50
CA ILE A 132 10.15 20.38 -18.24
C ILE A 132 8.83 20.25 -19.05
N LEU A 133 7.69 20.43 -18.39
CA LEU A 133 6.40 20.32 -19.09
C LEU A 133 5.74 21.67 -19.24
N VAL A 134 5.23 21.97 -20.43
CA VAL A 134 4.56 23.25 -20.67
C VAL A 134 3.25 23.12 -21.45
N LYS A 135 2.49 24.20 -21.47
CA LYS A 135 1.18 24.23 -22.11
C LYS A 135 1.27 24.22 -23.64
N THR A 136 2.04 25.15 -24.20
CA THR A 136 2.07 25.32 -25.66
C THR A 136 3.44 25.05 -26.28
N GLU A 137 3.42 24.35 -27.42
CA GLU A 137 4.60 23.99 -28.20
C GLU A 137 5.51 25.20 -28.44
N ASP A 138 4.91 26.37 -28.53
CA ASP A 138 5.69 27.59 -28.65
C ASP A 138 6.51 27.91 -27.40
N GLU A 139 5.92 27.77 -26.21
CA GLU A 139 6.65 27.97 -24.95
C GLU A 139 7.87 27.06 -24.88
N ALA A 140 7.63 25.78 -25.22
CA ALA A 140 8.66 24.78 -25.28
C ALA A 140 9.77 25.18 -26.23
N LYS A 141 9.40 25.67 -27.40
CA LYS A 141 10.40 26.10 -28.37
C LYS A 141 11.25 27.21 -27.82
N ARG A 142 10.63 28.15 -27.11
CA ARG A 142 11.38 29.25 -26.51
C ARG A 142 12.36 28.83 -25.42
N ILE A 143 11.95 27.86 -24.59
CA ILE A 143 12.81 27.24 -23.57
C ILE A 143 14.01 26.55 -24.21
N ILE A 144 13.74 25.69 -25.19
CA ILE A 144 14.82 25.08 -25.96
C ILE A 144 15.79 26.15 -26.52
N SER A 145 15.25 27.28 -26.95
CA SER A 145 16.10 28.35 -27.46
C SER A 145 16.97 28.89 -26.37
N GLU A 146 16.42 28.93 -25.16
CA GLU A 146 17.16 29.48 -24.05
C GLU A 146 18.32 28.54 -23.64
N ILE A 147 18.13 27.26 -23.83
CA ILE A 147 19.21 26.31 -23.59
C ILE A 147 20.28 26.30 -24.69
N ASP A 148 19.85 26.50 -25.95
CA ASP A 148 20.74 26.42 -27.13
C ASP A 148 21.88 27.44 -26.98
N LYS A 149 21.58 28.61 -26.45
CA LYS A 149 22.61 29.63 -26.33
C LYS A 149 23.57 29.51 -25.16
N GLN A 150 23.46 28.44 -24.36
CA GLN A 150 24.35 28.31 -23.21
C GLN A 150 25.66 27.65 -23.57
N PRO A 151 26.73 28.06 -22.93
CA PRO A 151 27.98 27.28 -22.99
C PRO A 151 27.72 25.91 -22.37
N LYS A 152 28.55 24.92 -22.74
CA LYS A 152 28.38 23.54 -22.33
C LYS A 152 28.29 23.45 -20.81
N ALA A 153 29.19 24.16 -20.14
CA ALA A 153 29.26 24.22 -18.69
C ALA A 153 27.97 24.69 -18.01
N LYS A 154 27.14 25.43 -18.72
CA LYS A 154 25.95 26.02 -18.12
C LYS A 154 24.62 25.46 -18.56
N LYS A 155 24.65 24.45 -19.45
CA LYS A 155 23.44 23.82 -20.01
C LYS A 155 22.52 23.18 -19.00
N GLU A 156 23.02 22.21 -18.24
CA GLU A 156 22.16 21.57 -17.23
C GLU A 156 21.66 22.59 -16.16
N ALA A 157 22.50 23.53 -15.74
CA ALA A 157 22.07 24.53 -14.76
C ALA A 157 20.94 25.37 -15.32
N LYS A 158 21.06 25.82 -16.56
CA LYS A 158 19.96 26.53 -17.21
C LYS A 158 18.67 25.70 -17.30
N PHE A 159 18.83 24.42 -17.60
CA PHE A 159 17.67 23.56 -17.68
C PHE A 159 16.98 23.48 -16.32
N ILE A 160 17.77 23.33 -15.27
CA ILE A 160 17.30 23.19 -13.92
C ILE A 160 16.50 24.42 -13.54
N GLU A 161 17.06 25.58 -13.83
CA GLU A 161 16.44 26.85 -13.54
C GLU A 161 15.11 27.00 -14.30
N LEU A 162 15.09 26.66 -15.61
CA LEU A 162 13.87 26.78 -16.42
C LEU A 162 12.79 25.79 -15.96
N ALA A 163 13.20 24.61 -15.54
CA ALA A 163 12.27 23.63 -15.02
C ALA A 163 11.61 24.19 -13.73
N ASN A 164 12.41 24.80 -12.87
CA ASN A 164 11.85 25.32 -11.62
C ASN A 164 10.93 26.51 -11.90
N ARG A 165 11.23 27.25 -12.95
CA ARG A 165 10.49 28.47 -13.22
C ARG A 165 9.21 28.20 -13.98
N ASP A 166 9.23 27.22 -14.88
CA ASP A 166 8.20 27.11 -15.93
C ASP A 166 7.46 25.77 -16.02
N THR A 167 7.89 24.77 -15.27
CA THR A 167 7.25 23.50 -15.40
C THR A 167 5.86 23.57 -14.80
N ILE A 168 4.95 22.81 -15.39
CA ILE A 168 3.60 22.70 -14.87
C ILE A 168 3.36 21.24 -14.49
N ASP A 169 4.44 20.50 -14.35
CA ASP A 169 4.39 19.24 -13.63
C ASP A 169 4.39 19.62 -12.15
N PRO A 170 3.27 19.32 -11.44
CA PRO A 170 3.05 19.79 -10.05
C PRO A 170 4.00 19.17 -9.06
N ASN A 171 4.36 17.91 -9.27
CA ASN A 171 5.41 17.28 -8.49
C ASN A 171 6.74 18.03 -8.59
N SER A 172 7.20 18.28 -9.82
CA SER A 172 8.46 18.98 -10.07
C SER A 172 8.38 20.43 -9.65
N LYS A 173 7.23 21.04 -9.89
CA LYS A 173 7.07 22.43 -9.56
C LYS A 173 7.14 22.59 -8.06
N ASN A 174 6.54 21.65 -7.34
CA ASN A 174 6.57 21.73 -5.92
C ASN A 174 7.91 21.34 -5.31
N ALA A 175 8.59 20.33 -5.85
CA ALA A 175 9.90 19.93 -5.30
C ALA A 175 11.06 20.88 -5.59
N GLN A 176 10.95 21.62 -6.70
CA GLN A 176 12.01 22.50 -7.18
C GLN A 176 13.36 21.78 -7.31
N ASN A 177 13.26 20.60 -7.86
CA ASN A 177 14.39 19.73 -8.00
C ASN A 177 14.95 19.75 -9.42
N GLY A 178 14.68 20.82 -10.16
CA GLY A 178 15.12 21.00 -11.53
C GLY A 178 14.50 19.99 -12.51
N GLY A 179 13.24 19.62 -12.33
CA GLY A 179 12.57 18.71 -13.23
C GLY A 179 13.10 17.30 -13.20
N ASP A 180 13.78 16.95 -12.13
CA ASP A 180 14.40 15.65 -11.95
C ASP A 180 13.39 14.50 -11.92
N LEU A 181 13.60 13.47 -12.74
CA LEU A 181 12.69 12.33 -12.76
C LEU A 181 13.30 11.11 -12.08
N GLY A 182 14.53 11.27 -11.60
CA GLY A 182 15.26 10.13 -11.05
C GLY A 182 15.59 9.09 -12.12
N LYS A 183 15.77 7.84 -11.69
CA LYS A 183 16.12 6.76 -12.62
C LYS A 183 14.91 5.95 -13.06
N PHE A 184 14.84 5.66 -14.35
CA PHE A 184 13.66 4.96 -14.86
C PHE A 184 13.94 4.12 -16.11
N GLN A 185 13.15 3.07 -16.30
CA GLN A 185 13.17 2.23 -17.51
C GLN A 185 12.22 2.76 -18.60
N LYS A 186 12.40 2.25 -19.81
CA LYS A 186 11.60 2.63 -20.98
C LYS A 186 10.14 2.21 -20.85
N ASN A 187 9.93 1.15 -20.08
CA ASN A 187 8.58 0.65 -19.86
C ASN A 187 8.05 1.17 -18.55
N GLN A 188 8.49 2.37 -18.16
CA GLN A 188 8.06 2.98 -16.91
C GLN A 188 7.41 4.35 -17.11
N MET A 189 7.70 4.98 -18.25
CA MET A 189 7.12 6.26 -18.61
C MET A 189 6.18 5.97 -19.77
N ALA A 190 5.36 6.94 -20.11
CA ALA A 190 4.56 6.83 -21.33
C ALA A 190 5.51 6.65 -22.51
N PRO A 191 5.13 5.80 -23.49
CA PRO A 191 5.97 5.40 -24.64
C PRO A 191 6.65 6.54 -25.39
N ASP A 192 5.91 7.55 -25.84
CA ASP A 192 6.52 8.65 -26.60
C ASP A 192 7.52 9.47 -25.80
N PHE A 193 7.36 9.54 -24.48
CA PHE A 193 8.33 10.22 -23.61
C PHE A 193 9.60 9.37 -23.53
N SER A 194 9.42 8.08 -23.25
CA SER A 194 10.55 7.18 -23.12
C SER A 194 11.38 7.09 -24.39
N LYS A 195 10.74 7.05 -25.54
CA LYS A 195 11.44 6.98 -26.81
C LYS A 195 12.37 8.17 -26.96
N ALA A 196 11.82 9.35 -26.68
CA ALA A 196 12.56 10.58 -26.89
C ALA A 196 13.74 10.63 -25.92
N ALA A 197 13.48 10.25 -24.68
CA ALA A 197 14.51 10.31 -23.65
C ALA A 197 15.63 9.35 -23.93
N PHE A 198 15.29 8.15 -24.39
CA PHE A 198 16.32 7.16 -24.64
C PHE A 198 17.07 7.36 -25.94
N ALA A 199 16.47 8.14 -26.83
CA ALA A 199 17.12 8.43 -28.11
C ALA A 199 18.21 9.48 -27.99
N LEU A 200 18.16 10.29 -26.93
CA LEU A 200 19.17 11.31 -26.70
C LEU A 200 20.48 10.65 -26.28
N THR A 201 21.61 11.33 -26.48
CA THR A 201 22.83 10.91 -25.78
C THR A 201 23.02 11.76 -24.50
N PRO A 202 23.70 11.23 -23.48
CA PRO A 202 23.87 12.02 -22.23
C PRO A 202 24.45 13.39 -22.45
N GLY A 203 23.89 14.36 -21.74
CA GLY A 203 24.37 15.73 -21.77
C GLY A 203 23.58 16.49 -22.79
N ASP A 204 22.70 15.78 -23.49
CA ASP A 204 21.88 16.41 -24.51
C ASP A 204 20.42 16.50 -24.09
N TYR A 205 19.69 17.39 -24.75
CA TYR A 205 18.27 17.63 -24.51
C TYR A 205 17.54 17.59 -25.85
N THR A 206 16.22 17.44 -25.81
CA THR A 206 15.41 17.34 -27.01
C THR A 206 15.30 18.68 -27.68
N LYS A 207 15.64 18.74 -28.98
CA LYS A 207 15.59 19.99 -29.74
C LYS A 207 14.17 20.27 -30.27
N THR A 208 13.32 19.26 -30.29
CA THR A 208 11.92 19.50 -30.65
C THR A 208 11.03 19.00 -29.54
N PRO A 209 10.03 19.80 -29.18
CA PRO A 209 9.16 19.42 -28.06
C PRO A 209 8.54 18.05 -28.25
N VAL A 210 8.16 17.41 -27.15
CA VAL A 210 7.59 16.07 -27.22
C VAL A 210 6.13 16.13 -26.81
N LYS A 211 5.31 15.54 -27.68
CA LYS A 211 3.87 15.55 -27.52
C LYS A 211 3.45 14.49 -26.52
N THR A 212 2.84 14.96 -25.45
CA THR A 212 2.21 14.05 -24.52
C THR A 212 0.80 14.62 -24.32
N GLU A 213 -0.08 13.86 -23.67
CA GLU A 213 -1.43 14.38 -23.41
C GLU A 213 -1.40 15.48 -22.35
N PHE A 214 -0.37 15.47 -21.51
CA PHE A 214 -0.22 16.48 -20.48
C PHE A 214 0.28 17.80 -21.03
N GLY A 215 0.80 17.78 -22.25
CA GLY A 215 1.30 18.99 -22.88
C GLY A 215 2.58 18.75 -23.64
N TYR A 216 3.48 19.74 -23.67
CA TYR A 216 4.74 19.56 -24.40
C TYR A 216 5.98 19.50 -23.48
N HIS A 217 6.81 18.48 -23.70
CA HIS A 217 7.93 18.20 -22.83
C HIS A 217 9.21 18.63 -23.51
N ILE A 218 10.17 19.11 -22.71
CA ILE A 218 11.54 19.24 -23.17
C ILE A 218 12.32 18.40 -22.24
N ILE A 219 13.19 17.55 -22.78
CA ILE A 219 13.85 16.56 -21.94
C ILE A 219 15.34 16.72 -21.96
N TYR A 220 15.99 16.63 -20.80
CA TYR A 220 17.46 16.63 -20.74
C TYR A 220 17.96 15.31 -20.21
N LEU A 221 18.88 14.69 -20.91
CA LEU A 221 19.39 13.40 -20.44
C LEU A 221 20.69 13.54 -19.65
N ILE A 222 20.65 13.14 -18.39
CA ILE A 222 21.85 13.21 -17.58
C ILE A 222 22.75 12.03 -17.85
N SER A 223 22.17 10.85 -17.74
CA SER A 223 22.88 9.62 -17.95
C SER A 223 21.94 8.54 -18.50
N LYS A 224 22.56 7.50 -19.05
CA LYS A 224 21.85 6.40 -19.71
C LYS A 224 22.81 5.24 -19.88
N ASP A 225 22.49 4.12 -19.24
CA ASP A 225 23.28 2.92 -19.38
C ASP A 225 23.23 2.42 -20.80
N SER A 226 24.25 1.66 -21.19
CA SER A 226 24.23 0.97 -22.48
C SER A 226 23.25 -0.21 -22.34
N PRO A 227 22.39 -0.40 -23.37
CA PRO A 227 21.33 -1.40 -23.25
C PRO A 227 21.92 -2.80 -23.07
N VAL A 228 21.46 -3.59 -22.09
CA VAL A 228 21.91 -4.98 -22.05
C VAL A 228 20.69 -5.89 -22.09
N THR A 229 20.69 -6.77 -23.08
CA THR A 229 19.57 -7.66 -23.30
C THR A 229 19.75 -8.96 -22.49
N TYR A 230 18.67 -9.43 -21.82
CA TYR A 230 18.69 -10.78 -21.21
C TYR A 230 18.83 -11.81 -22.32
N THR A 231 19.61 -12.85 -22.06
CA THR A 231 19.83 -13.92 -23.03
C THR A 231 18.62 -14.82 -23.12
N TYR A 232 18.52 -15.54 -24.21
CA TYR A 232 17.40 -16.43 -24.39
C TYR A 232 17.22 -17.42 -23.26
N GLU A 233 18.29 -18.04 -22.78
CA GLU A 233 18.18 -18.99 -21.67
C GLU A 233 17.68 -18.32 -20.38
N GLN A 234 17.97 -17.03 -20.22
CA GLN A 234 17.55 -16.29 -19.04
C GLN A 234 16.09 -15.86 -19.15
N ALA A 235 15.60 -15.72 -20.37
CA ALA A 235 14.27 -15.20 -20.61
C ALA A 235 13.26 -16.35 -20.79
N LYS A 236 13.79 -17.53 -21.02
CA LYS A 236 12.99 -18.70 -21.39
C LYS A 236 11.82 -18.98 -20.45
N PRO A 237 12.07 -19.04 -19.12
CA PRO A 237 10.96 -19.34 -18.20
C PRO A 237 9.89 -18.27 -18.25
N THR A 238 10.34 -17.02 -18.33
CA THR A 238 9.40 -15.93 -18.50
C THR A 238 8.63 -16.10 -19.79
N ILE A 239 9.34 -16.43 -20.87
CA ILE A 239 8.67 -16.64 -22.17
C ILE A 239 7.64 -17.77 -22.14
N LYS A 240 7.96 -18.89 -21.49
CA LYS A 240 7.01 -19.96 -21.39
C LYS A 240 5.75 -19.45 -20.69
N GLY A 241 5.95 -18.71 -19.60
CA GLY A 241 4.84 -18.18 -18.84
C GLY A 241 3.98 -17.22 -19.61
N MET A 242 4.58 -16.43 -20.49
CA MET A 242 3.83 -15.47 -21.30
C MET A 242 3.05 -16.17 -22.40
N LEU A 243 3.62 -17.25 -22.94
CA LEU A 243 2.91 -18.00 -23.96
C LEU A 243 1.79 -18.86 -23.35
N GLN A 244 1.97 -19.31 -22.10
CA GLN A 244 0.92 -20.03 -21.38
C GLN A 244 -0.23 -19.09 -21.01
N GLU A 245 0.12 -17.89 -20.56
CA GLU A 245 -0.87 -16.85 -20.30
C GLU A 245 -1.70 -16.57 -21.55
N LYS A 246 -1.03 -16.53 -22.70
CA LYS A 246 -1.69 -16.31 -23.97
C LYS A 246 -2.64 -17.45 -24.32
N LEU A 247 -2.20 -18.69 -24.11
CA LEU A 247 -3.03 -19.86 -24.41
C LEU A 247 -4.28 -19.87 -23.53
N PHE A 248 -4.05 -19.54 -22.25
CA PHE A 248 -5.06 -19.51 -21.20
C PHE A 248 -6.17 -18.48 -21.48
N GLN A 249 -5.78 -17.33 -22.03
CA GLN A 249 -6.75 -16.27 -22.33
C GLN A 249 -7.53 -16.58 -23.58
N GLU A 250 -6.87 -17.21 -24.51
CA GLU A 250 -7.51 -17.62 -25.75
C GLU A 250 -8.49 -18.74 -25.43
N ARG A 251 -8.06 -19.66 -24.59
CA ARG A 251 -8.90 -20.77 -24.19
C ARG A 251 -10.13 -20.30 -23.44
N MET A 252 -9.96 -19.28 -22.61
CA MET A 252 -11.10 -18.78 -21.87
C MET A 252 -12.10 -18.12 -22.77
N ASN A 253 -11.61 -17.33 -23.72
CA ASN A 253 -12.48 -16.66 -24.69
C ASN A 253 -13.18 -17.63 -25.65
N GLN A 254 -12.47 -18.67 -26.08
CA GLN A 254 -13.08 -19.74 -26.86
C GLN A 254 -14.21 -20.39 -26.08
N ARG A 255 -13.94 -20.80 -24.84
CA ARG A 255 -14.94 -21.48 -24.03
C ARG A 255 -16.13 -20.60 -23.81
N ILE A 256 -15.89 -19.32 -23.51
CA ILE A 256 -16.97 -18.39 -23.21
C ILE A 256 -17.88 -18.18 -24.43
N GLU A 257 -17.29 -18.14 -25.62
CA GLU A 257 -18.09 -18.06 -26.86
C GLU A 257 -18.89 -19.32 -27.11
N GLU A 258 -18.33 -20.49 -26.79
CA GLU A 258 -19.15 -21.71 -26.85
C GLU A 258 -20.32 -21.68 -25.87
N LEU A 259 -20.14 -21.10 -24.69
CA LEU A 259 -21.21 -21.00 -23.69
C LEU A 259 -22.29 -20.03 -24.14
N ARG A 260 -21.89 -19.00 -24.88
CA ARG A 260 -22.86 -18.03 -25.40
C ARG A 260 -23.79 -18.61 -26.45
N LYS A 261 -23.23 -19.42 -27.33
CA LYS A 261 -23.98 -19.98 -28.46
C LYS A 261 -24.96 -21.03 -27.97
N HIS A 262 -24.77 -21.50 -26.74
CA HIS A 262 -25.70 -22.46 -26.16
C HIS A 262 -26.52 -21.89 -25.00
N ALA A 263 -26.64 -20.56 -24.94
CA ALA A 263 -27.39 -19.94 -23.85
C ALA A 263 -28.45 -19.01 -24.35
N LYS A 264 -29.51 -18.85 -23.57
CA LYS A 264 -30.56 -17.91 -23.89
C LYS A 264 -30.23 -16.55 -23.29
N ILE A 265 -29.69 -15.67 -24.11
CA ILE A 265 -29.40 -14.33 -23.66
C ILE A 265 -30.45 -13.31 -24.14
N VAL A 266 -30.96 -12.51 -23.21
CA VAL A 266 -31.95 -11.47 -23.53
C VAL A 266 -31.55 -10.15 -22.89
N THR B 24 -30.87 -7.45 -18.04
CA THR B 24 -31.22 -8.51 -18.99
C THR B 24 -30.94 -9.91 -18.43
N LYS B 25 -31.31 -10.94 -19.20
CA LYS B 25 -31.28 -12.34 -18.71
C LYS B 25 -30.36 -13.28 -19.49
N SER B 26 -29.50 -13.99 -18.77
CA SER B 26 -28.62 -15.03 -19.31
C SER B 26 -29.14 -16.42 -18.93
N ASP B 27 -29.67 -17.14 -19.91
CA ASP B 27 -30.41 -18.37 -19.69
C ASP B 27 -31.49 -18.09 -18.66
N PHE B 28 -31.36 -18.66 -17.48
CA PHE B 28 -32.26 -18.29 -16.40
C PHE B 28 -31.74 -17.02 -15.67
N ASP B 29 -30.44 -16.97 -15.40
CA ASP B 29 -29.80 -15.92 -14.59
C ASP B 29 -30.21 -14.50 -14.99
N MET B 30 -30.20 -13.60 -14.01
CA MET B 30 -30.63 -12.22 -14.21
C MET B 30 -29.54 -11.21 -14.01
N ILE B 31 -29.53 -10.13 -14.78
CA ILE B 31 -28.50 -9.11 -14.62
C ILE B 31 -29.02 -7.73 -14.22
N LYS B 32 -28.45 -7.28 -13.10
CA LYS B 32 -28.68 -5.97 -12.46
C LYS B 32 -27.34 -5.32 -12.17
N GLU B 45 -23.98 5.73 -22.84
CA GLU B 45 -24.58 4.46 -23.25
C GLU B 45 -23.55 3.44 -23.74
N LYS B 46 -22.34 3.87 -24.05
CA LYS B 46 -21.38 2.91 -24.60
C LYS B 46 -20.56 2.19 -23.52
N GLU B 47 -20.36 2.82 -22.37
CA GLU B 47 -19.71 2.13 -21.26
C GLU B 47 -20.63 1.04 -20.73
N LYS B 48 -21.92 1.37 -20.70
CA LYS B 48 -22.97 0.47 -20.25
C LYS B 48 -23.00 -0.81 -21.10
N GLU B 49 -22.87 -0.67 -22.42
CA GLU B 49 -22.82 -1.80 -23.34
C GLU B 49 -21.73 -2.80 -22.92
N ALA B 50 -20.53 -2.27 -22.73
CA ALA B 50 -19.39 -3.08 -22.33
C ALA B 50 -19.69 -3.74 -21.00
N LEU B 51 -20.32 -2.99 -20.10
CA LEU B 51 -20.67 -3.51 -18.78
C LEU B 51 -21.59 -4.72 -18.82
N ILE B 52 -22.66 -4.60 -19.60
CA ILE B 52 -23.60 -5.70 -19.75
C ILE B 52 -22.91 -6.89 -20.43
N ASP B 53 -22.06 -6.64 -21.41
CA ASP B 53 -21.33 -7.73 -22.06
C ASP B 53 -20.46 -8.52 -21.07
N GLN B 54 -19.68 -7.78 -20.28
CA GLN B 54 -18.80 -8.39 -19.29
C GLN B 54 -19.62 -9.15 -18.25
N ALA B 55 -20.75 -8.57 -17.83
CA ALA B 55 -21.66 -9.21 -16.87
C ALA B 55 -22.23 -10.52 -17.42
N ILE B 56 -22.61 -10.50 -18.69
CA ILE B 56 -23.08 -11.69 -19.42
C ILE B 56 -22.03 -12.79 -19.47
N ARG B 57 -20.79 -12.43 -19.79
CA ARG B 57 -19.68 -13.39 -19.82
C ARG B 57 -19.52 -14.05 -18.46
N THR B 58 -19.55 -13.21 -17.43
CA THR B 58 -19.47 -13.68 -16.05
C THR B 58 -20.62 -14.63 -15.67
N ALA B 59 -21.85 -14.30 -16.07
CA ALA B 59 -22.97 -15.17 -15.75
C ALA B 59 -22.80 -16.51 -16.46
N LEU B 60 -22.34 -16.47 -17.71
CA LEU B 60 -22.11 -17.68 -18.48
C LEU B 60 -21.12 -18.58 -17.75
N VAL B 61 -20.03 -17.97 -17.25
CA VAL B 61 -19.01 -18.71 -16.50
C VAL B 61 -19.52 -19.26 -15.19
N GLU B 62 -20.31 -18.47 -14.48
CA GLU B 62 -20.91 -18.89 -13.21
C GLU B 62 -21.78 -20.12 -13.44
N ASN B 63 -22.68 -20.05 -14.42
CA ASN B 63 -23.54 -21.19 -14.81
C ASN B 63 -22.72 -22.42 -15.18
N GLU B 64 -21.67 -22.24 -16.00
CA GLU B 64 -20.82 -23.37 -16.37
C GLU B 64 -20.10 -24.00 -15.17
N ALA B 65 -19.66 -23.16 -14.25
CA ALA B 65 -18.99 -23.62 -13.05
C ALA B 65 -19.95 -24.45 -12.21
N LYS B 66 -21.20 -24.00 -12.14
CA LYS B 66 -22.26 -24.78 -11.49
C LYS B 66 -22.49 -26.11 -12.21
N THR B 67 -22.55 -26.08 -13.54
CA THR B 67 -22.71 -27.29 -14.34
C THR B 67 -21.60 -28.29 -14.04
N GLU B 68 -20.39 -27.77 -13.90
CA GLU B 68 -19.23 -28.61 -13.61
C GLU B 68 -19.11 -29.00 -12.14
N LYS B 69 -20.04 -28.53 -11.33
CA LYS B 69 -20.10 -28.90 -9.92
C LYS B 69 -18.85 -28.48 -9.13
N LEU B 70 -18.30 -27.32 -9.49
CA LEU B 70 -17.13 -26.78 -8.79
C LEU B 70 -17.57 -26.25 -7.43
N ASP B 71 -18.88 -25.97 -7.30
CA ASP B 71 -19.46 -25.52 -6.03
C ASP B 71 -19.73 -26.66 -5.07
N SER B 72 -19.46 -27.88 -5.51
CA SER B 72 -19.72 -29.03 -4.68
C SER B 72 -18.43 -29.62 -4.11
N THR B 73 -17.28 -29.04 -4.49
CA THR B 73 -15.99 -29.47 -3.95
C THR B 73 -15.77 -29.00 -2.51
N PRO B 74 -15.11 -29.85 -1.71
CA PRO B 74 -14.68 -29.58 -0.33
C PRO B 74 -14.06 -28.21 -0.18
N GLU B 75 -13.20 -27.87 -1.11
CA GLU B 75 -12.55 -26.57 -1.13
C GLU B 75 -13.53 -25.41 -1.23
N PHE B 76 -14.50 -25.52 -2.13
CA PHE B 76 -15.45 -24.45 -2.32
C PHE B 76 -16.40 -24.29 -1.13
N LYS B 77 -16.90 -25.41 -0.61
CA LYS B 77 -17.79 -25.39 0.56
C LYS B 77 -17.06 -24.82 1.78
N ALA B 78 -15.82 -25.27 1.99
CA ALA B 78 -14.95 -24.75 3.04
C ALA B 78 -14.77 -23.24 2.92
N MET B 79 -14.45 -22.78 1.72
CA MET B 79 -14.30 -21.36 1.55
C MET B 79 -15.59 -20.62 1.88
N MET B 80 -16.71 -21.13 1.39
CA MET B 80 -18.00 -20.48 1.64
C MET B 80 -18.31 -20.45 3.13
N GLU B 81 -17.92 -21.52 3.83
CA GLU B 81 -18.19 -21.60 5.26
C GLU B 81 -17.36 -20.62 6.08
N ALA B 82 -16.11 -20.49 5.67
CA ALA B 82 -15.23 -19.50 6.27
C ALA B 82 -15.71 -18.06 6.03
N VAL B 83 -16.08 -17.77 4.79
CA VAL B 83 -16.53 -16.44 4.44
C VAL B 83 -17.81 -16.09 5.21
N LYS B 84 -18.74 -17.05 5.26
CA LYS B 84 -19.97 -16.85 6.02
C LYS B 84 -19.72 -16.63 7.52
N LYS B 85 -18.89 -17.47 8.15
CA LYS B 85 -18.54 -17.27 9.57
C LYS B 85 -17.95 -15.87 9.84
N GLN B 86 -16.96 -15.50 9.02
CA GLN B 86 -16.35 -14.18 9.12
C GLN B 86 -17.41 -13.09 9.03
N ALA B 87 -18.32 -13.23 8.06
CA ALA B 87 -19.32 -12.19 7.81
C ALA B 87 -20.36 -12.12 8.93
N LEU B 88 -20.64 -13.26 9.55
CA LEU B 88 -21.58 -13.29 10.68
C LEU B 88 -20.98 -12.46 11.80
N VAL B 89 -19.71 -12.71 12.11
CA VAL B 89 -19.03 -11.93 13.14
C VAL B 89 -18.99 -10.43 12.81
N GLU B 90 -18.73 -10.10 11.56
CA GLU B 90 -18.71 -8.68 11.19
C GLU B 90 -20.07 -8.00 11.27
N PHE B 91 -21.14 -8.69 10.87
CA PHE B 91 -22.49 -8.11 10.96
C PHE B 91 -22.94 -7.95 12.40
N TRP B 92 -22.57 -8.90 13.23
CA TRP B 92 -22.84 -8.78 14.65
C TRP B 92 -22.17 -7.54 15.24
N ALA B 93 -20.87 -7.40 14.97
CA ALA B 93 -20.12 -6.23 15.38
C ALA B 93 -20.77 -4.94 14.91
N LYS B 94 -21.11 -4.91 13.64
CA LYS B 94 -21.67 -3.72 12.99
C LYS B 94 -22.96 -3.30 13.67
N LYS B 95 -23.76 -4.30 14.01
CA LYS B 95 -24.98 -4.11 14.77
C LYS B 95 -24.70 -3.48 16.14
N GLN B 96 -23.70 -4.03 16.85
CA GLN B 96 -23.33 -3.48 18.16
C GLN B 96 -22.90 -2.03 18.08
N ALA B 97 -22.16 -1.70 17.03
CA ALA B 97 -21.73 -0.34 16.75
C ALA B 97 -22.91 0.58 16.45
N GLU B 98 -23.90 0.04 15.74
CA GLU B 98 -25.09 0.82 15.42
C GLU B 98 -25.92 1.11 16.66
N GLU B 99 -25.89 0.20 17.61
CA GLU B 99 -26.58 0.44 18.87
C GLU B 99 -25.79 1.38 19.78
N VAL B 100 -24.46 1.27 19.71
CA VAL B 100 -23.60 2.14 20.51
C VAL B 100 -23.64 3.61 20.09
N LYS B 101 -23.61 3.87 18.78
CA LYS B 101 -23.60 5.24 18.28
C LYS B 101 -24.81 6.08 18.73
N LYS B 102 -25.83 5.41 19.26
CA LYS B 102 -27.03 6.10 19.75
C LYS B 102 -26.79 6.75 21.10
N VAL B 103 -25.88 6.18 21.88
CA VAL B 103 -25.61 6.67 23.23
C VAL B 103 -24.91 8.02 23.23
N GLN B 104 -25.47 8.96 23.98
CA GLN B 104 -24.89 10.28 24.15
C GLN B 104 -23.88 10.21 25.28
N ILE B 105 -22.64 10.60 24.98
CA ILE B 105 -21.59 10.54 25.96
C ILE B 105 -21.66 11.82 26.79
N PRO B 106 -21.75 11.68 28.12
CA PRO B 106 -21.90 12.81 29.02
C PRO B 106 -20.73 13.79 28.90
N GLU B 107 -21.04 15.08 29.03
CA GLU B 107 -20.05 16.14 28.91
C GLU B 107 -18.92 16.03 29.93
N LYS B 108 -19.25 15.65 31.16
CA LYS B 108 -18.25 15.61 32.22
C LYS B 108 -17.26 14.48 31.95
N GLU B 109 -17.70 13.47 31.20
CA GLU B 109 -16.86 12.34 30.85
C GLU B 109 -15.80 12.74 29.84
N MET B 110 -16.21 13.54 28.86
CA MET B 110 -15.31 14.06 27.85
C MET B 110 -14.40 15.15 28.39
N GLN B 111 -14.91 15.92 29.34
CA GLN B 111 -14.08 16.94 29.96
C GLN B 111 -13.08 16.33 30.94
N ASP B 112 -13.48 15.30 31.69
CA ASP B 112 -12.54 14.60 32.56
C ASP B 112 -11.53 13.80 31.75
N PHE B 113 -11.96 13.30 30.59
CA PHE B 113 -11.06 12.65 29.65
C PHE B 113 -10.06 13.68 29.15
N TYR B 114 -10.58 14.83 28.75
CA TYR B 114 -9.73 15.90 28.28
C TYR B 114 -8.72 16.31 29.31
N ASN B 115 -9.18 16.53 30.53
CA ASN B 115 -8.31 17.03 31.58
C ASN B 115 -7.26 16.02 32.03
N ALA B 116 -7.66 14.76 32.11
CA ALA B 116 -6.72 13.73 32.54
C ALA B 116 -5.78 13.30 31.42
N ASN B 117 -6.14 13.59 30.16
CA ASN B 117 -5.39 13.10 29.02
C ASN B 117 -4.92 14.13 27.98
N LYS B 118 -5.05 15.41 28.31
CA LYS B 118 -4.71 16.50 27.40
C LYS B 118 -3.23 16.59 27.07
N ASP B 119 -2.40 16.48 28.11
CA ASP B 119 -0.95 16.63 28.01
C ASP B 119 -0.32 15.42 27.34
N GLN B 120 -1.09 14.35 27.22
CA GLN B 120 -0.58 13.14 26.61
C GLN B 120 -1.07 13.02 25.19
N LEU B 121 -2.29 13.53 24.94
CA LEU B 121 -2.96 13.32 23.67
C LEU B 121 -3.19 14.57 22.83
N PHE B 122 -3.29 15.73 23.49
CA PHE B 122 -3.78 16.90 22.77
C PHE B 122 -2.81 18.06 22.70
N VAL B 123 -1.52 17.75 22.84
CA VAL B 123 -0.47 18.71 22.61
C VAL B 123 0.10 18.55 21.19
N LYS B 124 0.06 19.62 20.41
CA LYS B 124 0.65 19.62 19.09
C LYS B 124 2.06 20.20 19.20
N GLN B 125 3.04 19.40 18.83
CA GLN B 125 4.44 19.82 18.89
C GLN B 125 5.24 19.07 17.82
N GLU B 126 5.61 19.76 16.76
CA GLU B 126 6.41 19.16 15.71
C GLU B 126 7.89 19.22 16.04
N ALA B 127 8.60 18.12 15.82
CA ALA B 127 10.05 18.11 15.99
C ALA B 127 10.83 17.67 14.73
N HIS B 128 12.11 18.07 14.67
CA HIS B 128 13.07 17.55 13.71
C HIS B 128 14.25 17.03 14.54
N ALA B 129 14.55 15.74 14.41
CA ALA B 129 15.62 15.14 15.19
C ALA B 129 16.38 14.02 14.47
N ARG B 130 17.59 13.74 14.95
CA ARG B 130 18.38 12.64 14.48
C ARG B 130 18.45 11.57 15.57
N HIS B 131 18.47 10.31 15.22
CA HIS B 131 18.54 9.31 16.27
C HIS B 131 19.47 8.15 15.95
N ILE B 132 19.80 7.42 16.99
CA ILE B 132 20.65 6.26 16.87
C ILE B 132 20.01 5.16 17.66
N LEU B 133 19.81 4.02 17.03
CA LEU B 133 19.27 2.86 17.72
C LEU B 133 20.37 1.83 17.83
N VAL B 134 20.49 1.22 19.01
CA VAL B 134 21.53 0.21 19.25
C VAL B 134 20.86 -0.97 19.98
N LYS B 135 21.50 -2.14 20.01
CA LYS B 135 20.88 -3.30 20.64
C LYS B 135 21.06 -3.17 22.14
N THR B 136 22.28 -2.86 22.55
CA THR B 136 22.71 -2.88 23.95
C THR B 136 23.09 -1.49 24.49
N GLU B 137 22.71 -1.22 25.73
CA GLU B 137 23.01 0.07 26.40
C GLU B 137 24.47 0.56 26.41
N ASP B 138 25.41 -0.39 26.48
CA ASP B 138 26.83 -0.06 26.53
C ASP B 138 27.32 0.59 25.22
N GLU B 139 26.92 0.03 24.07
CA GLU B 139 27.25 0.61 22.76
C GLU B 139 26.76 2.05 22.70
N ALA B 140 25.50 2.23 23.09
CA ALA B 140 24.89 3.56 23.15
C ALA B 140 25.71 4.55 24.00
N LYS B 141 26.11 4.13 25.20
CA LYS B 141 26.95 4.97 26.07
C LYS B 141 28.30 5.33 25.45
N ARG B 142 28.92 4.39 24.76
CA ARG B 142 30.18 4.67 24.08
C ARG B 142 29.97 5.70 22.96
N ILE B 143 28.88 5.53 22.23
CA ILE B 143 28.51 6.47 21.17
C ILE B 143 28.33 7.87 21.73
N ILE B 144 27.54 7.99 22.80
CA ILE B 144 27.34 9.27 23.48
C ILE B 144 28.67 9.86 23.95
N SER B 145 29.57 9.03 24.48
CA SER B 145 30.87 9.52 24.92
C SER B 145 31.70 9.99 23.72
N GLU B 146 31.47 9.37 22.58
CA GLU B 146 32.15 9.69 21.33
C GLU B 146 31.71 11.06 20.88
N ILE B 147 30.44 11.38 21.14
CA ILE B 147 29.96 12.72 20.83
C ILE B 147 30.47 13.73 21.86
N ASP B 148 30.54 13.27 23.10
CA ASP B 148 30.94 14.08 24.26
C ASP B 148 32.34 14.68 24.14
N LYS B 149 33.25 13.95 23.51
CA LYS B 149 34.62 14.40 23.32
C LYS B 149 34.78 15.42 22.16
N GLN B 150 33.68 15.68 21.45
CA GLN B 150 33.69 16.63 20.31
C GLN B 150 33.33 18.07 20.69
N PRO B 151 33.92 19.06 20.00
CA PRO B 151 33.42 20.44 20.15
C PRO B 151 32.03 20.48 19.53
N LYS B 152 31.21 21.48 19.90
CA LYS B 152 29.82 21.49 19.43
C LYS B 152 29.69 21.51 17.89
N ALA B 153 30.50 22.33 17.23
CA ALA B 153 30.51 22.43 15.77
C ALA B 153 30.78 21.13 14.99
N LYS B 154 31.45 20.16 15.62
CA LYS B 154 31.71 18.89 14.94
C LYS B 154 30.91 17.76 15.58
N LYS B 155 30.14 18.13 16.59
CA LYS B 155 29.30 17.18 17.31
C LYS B 155 28.26 16.51 16.40
N GLU B 156 27.46 17.30 15.68
CA GLU B 156 26.47 16.74 14.76
C GLU B 156 27.07 15.93 13.59
N ALA B 157 28.20 16.35 13.04
CA ALA B 157 28.84 15.56 12.01
C ALA B 157 29.25 14.23 12.61
N LYS B 158 29.79 14.28 13.84
CA LYS B 158 30.13 13.07 14.56
C LYS B 158 28.89 12.18 14.77
N PHE B 159 27.74 12.80 15.06
CA PHE B 159 26.47 12.10 15.30
C PHE B 159 26.06 11.38 14.03
N ILE B 160 26.24 12.08 12.92
CA ILE B 160 25.90 11.58 11.62
C ILE B 160 26.77 10.34 11.28
N GLU B 161 28.08 10.44 11.52
CA GLU B 161 29.00 9.30 11.30
C GLU B 161 28.59 8.13 12.16
N LEU B 162 28.29 8.43 13.42
CA LEU B 162 27.93 7.38 14.34
C LEU B 162 26.63 6.72 13.92
N ALA B 163 25.69 7.50 13.39
CA ALA B 163 24.41 7.00 12.91
C ALA B 163 24.56 6.10 11.69
N ASN B 164 25.44 6.49 10.78
CA ASN B 164 25.69 5.66 9.60
C ASN B 164 26.36 4.36 10.03
N ARG B 165 27.11 4.43 11.13
CA ARG B 165 27.93 3.28 11.54
C ARG B 165 27.27 2.25 12.50
N ASP B 166 26.48 2.70 13.45
CA ASP B 166 26.03 1.83 14.55
C ASP B 166 24.52 1.72 14.70
N THR B 167 23.74 2.49 13.92
CA THR B 167 22.27 2.44 14.06
C THR B 167 21.75 1.09 13.57
N ILE B 168 20.70 0.59 14.21
CA ILE B 168 20.07 -0.64 13.76
C ILE B 168 18.62 -0.35 13.32
N ASP B 169 18.32 0.92 13.08
CA ASP B 169 17.15 1.30 12.30
C ASP B 169 17.52 1.05 10.80
N PRO B 170 16.90 0.03 10.14
CA PRO B 170 17.22 -0.45 8.77
C PRO B 170 16.88 0.58 7.70
N ASN B 171 15.81 1.34 7.93
CA ASN B 171 15.52 2.51 7.11
C ASN B 171 16.70 3.49 7.13
N SER B 172 17.13 3.85 8.34
CA SER B 172 18.23 4.78 8.60
C SER B 172 19.57 4.24 8.10
N LYS B 173 19.77 2.94 8.29
CA LYS B 173 21.00 2.26 7.87
C LYS B 173 21.11 2.26 6.34
N ASN B 174 19.96 2.06 5.67
CA ASN B 174 19.94 2.01 4.22
C ASN B 174 20.02 3.38 3.52
N ALA B 175 19.36 4.39 4.10
CA ALA B 175 19.43 5.75 3.51
C ALA B 175 20.78 6.42 3.73
N GLN B 176 21.46 6.00 4.80
CA GLN B 176 22.69 6.66 5.24
C GLN B 176 22.51 8.17 5.33
N ASN B 177 21.41 8.58 5.93
CA ASN B 177 21.06 9.98 6.02
C ASN B 177 21.40 10.59 7.38
N GLY B 178 22.20 9.89 8.17
CA GLY B 178 22.56 10.35 9.50
C GLY B 178 21.49 10.32 10.59
N GLY B 179 20.72 9.24 10.64
CA GLY B 179 19.69 9.02 11.65
C GLY B 179 18.54 10.00 11.59
N ASP B 180 18.47 10.72 10.47
CA ASP B 180 17.45 11.76 10.24
C ASP B 180 16.05 11.23 10.17
N LEU B 181 15.17 11.84 10.95
CA LEU B 181 13.78 11.40 11.01
C LEU B 181 12.77 12.32 10.34
N GLY B 182 13.25 13.38 9.69
CA GLY B 182 12.35 14.37 9.11
C GLY B 182 11.59 15.08 10.23
N LYS B 183 10.40 15.58 9.92
CA LYS B 183 9.55 16.20 10.92
C LYS B 183 8.43 15.22 11.35
N PHE B 184 8.12 15.23 12.63
CA PHE B 184 7.13 14.32 13.21
C PHE B 184 6.42 14.97 14.39
N GLN B 185 5.20 14.53 14.64
CA GLN B 185 4.47 15.06 15.77
C GLN B 185 4.72 14.24 17.03
N LYS B 186 4.36 14.82 18.17
CA LYS B 186 4.64 14.24 19.47
C LYS B 186 3.80 12.98 19.68
N ASN B 187 2.68 12.86 18.96
CA ASN B 187 1.82 11.68 19.02
C ASN B 187 2.08 10.70 17.87
N GLN B 188 3.32 10.62 17.41
CA GLN B 188 3.66 9.72 16.32
C GLN B 188 4.75 8.72 16.70
N MET B 189 5.45 9.02 17.80
CA MET B 189 6.54 8.20 18.28
C MET B 189 6.18 7.43 19.56
N ALA B 190 7.02 6.44 19.88
CA ALA B 190 6.89 5.77 21.17
C ALA B 190 7.02 6.81 22.26
N PRO B 191 6.17 6.73 23.29
CA PRO B 191 6.09 7.69 24.40
C PRO B 191 7.47 8.02 24.99
N ASP B 192 8.23 6.98 25.34
CA ASP B 192 9.57 7.17 25.90
C ASP B 192 10.54 7.83 24.91
N PHE B 193 10.30 7.67 23.61
CA PHE B 193 11.11 8.39 22.62
C PHE B 193 10.74 9.87 22.61
N SER B 194 9.46 10.15 22.49
CA SER B 194 8.97 11.51 22.40
C SER B 194 9.29 12.33 23.63
N LYS B 195 9.19 11.76 24.84
CA LYS B 195 9.51 12.50 26.07
C LYS B 195 10.97 13.01 26.08
N ALA B 196 11.91 12.12 25.76
CA ALA B 196 13.32 12.48 25.76
C ALA B 196 13.70 13.42 24.60
N ALA B 197 13.20 13.13 23.39
CA ALA B 197 13.50 13.95 22.21
C ALA B 197 12.93 15.36 22.35
N PHE B 198 11.74 15.44 22.92
CA PHE B 198 11.08 16.72 23.15
C PHE B 198 11.56 17.48 24.39
N ALA B 199 12.25 16.80 25.32
CA ALA B 199 12.87 17.47 26.48
C ALA B 199 14.21 18.16 26.10
N LEU B 200 14.82 17.74 25.00
CA LEU B 200 16.07 18.33 24.51
C LEU B 200 15.87 19.77 24.04
N THR B 201 16.95 20.54 23.99
CA THR B 201 16.92 21.86 23.35
C THR B 201 17.51 21.71 21.94
N PRO B 202 17.14 22.60 21.02
CA PRO B 202 17.71 22.51 19.67
C PRO B 202 19.24 22.51 19.68
N GLY B 203 19.88 21.55 18.99
CA GLY B 203 21.33 21.51 18.94
C GLY B 203 21.95 20.62 20.00
N ASP B 204 21.11 20.11 20.89
CA ASP B 204 21.55 19.33 22.04
C ASP B 204 21.20 17.86 21.75
N TYR B 205 21.85 16.95 22.45
CA TYR B 205 21.59 15.53 22.29
C TYR B 205 21.40 14.85 23.66
N THR B 206 20.91 13.62 23.65
CA THR B 206 20.68 12.87 24.88
C THR B 206 22.02 12.41 25.50
N LYS B 207 22.22 12.77 26.78
CA LYS B 207 23.44 12.45 27.54
C LYS B 207 23.44 11.03 28.15
N THR B 208 22.25 10.45 28.30
CA THR B 208 22.08 9.03 28.64
C THR B 208 21.10 8.36 27.65
N PRO B 209 21.41 7.13 27.20
CA PRO B 209 20.56 6.44 26.21
C PRO B 209 19.10 6.30 26.68
N VAL B 210 18.19 6.12 25.74
CA VAL B 210 16.76 6.03 25.99
C VAL B 210 16.24 4.63 25.69
N LYS B 211 15.52 4.04 26.64
CA LYS B 211 15.01 2.68 26.49
C LYS B 211 13.72 2.58 25.68
N THR B 212 13.78 1.86 24.56
CA THR B 212 12.63 1.47 23.75
C THR B 212 12.69 -0.04 23.53
N GLU B 213 11.63 -0.65 22.99
CA GLU B 213 11.65 -2.09 22.72
C GLU B 213 12.59 -2.49 21.57
N PHE B 214 12.84 -1.54 20.68
CA PHE B 214 13.74 -1.75 19.54
C PHE B 214 15.22 -1.72 19.94
N GLY B 215 15.47 -1.30 21.18
CA GLY B 215 16.82 -1.22 21.71
C GLY B 215 17.03 0.04 22.53
N TYR B 216 18.24 0.61 22.44
CA TYR B 216 18.58 1.84 23.15
C TYR B 216 18.84 3.00 22.21
N HIS B 217 18.27 4.15 22.51
CA HIS B 217 18.33 5.30 21.61
C HIS B 217 19.24 6.43 22.11
N ILE B 218 19.83 7.14 21.15
CA ILE B 218 20.46 8.42 21.41
C ILE B 218 19.83 9.42 20.43
N ILE B 219 19.48 10.60 20.93
CA ILE B 219 18.75 11.57 20.12
C ILE B 219 19.54 12.87 20.00
N TYR B 220 19.49 13.49 18.83
CA TYR B 220 19.99 14.85 18.59
C TYR B 220 18.81 15.73 18.14
N LEU B 221 18.58 16.87 18.80
CA LEU B 221 17.47 17.75 18.44
C LEU B 221 17.89 18.93 17.53
N ILE B 222 17.38 18.91 16.30
CA ILE B 222 17.63 19.94 15.30
C ILE B 222 16.69 21.13 15.53
N SER B 223 15.38 20.84 15.52
CA SER B 223 14.32 21.84 15.69
C SER B 223 13.14 21.25 16.47
N LYS B 224 12.30 22.13 16.99
CA LYS B 224 11.21 21.73 17.85
C LYS B 224 10.27 22.95 17.99
N ASP B 225 9.03 22.88 17.48
CA ASP B 225 8.06 23.98 17.69
C ASP B 225 7.67 24.13 19.14
N SER B 226 7.11 25.28 19.47
CA SER B 226 6.56 25.53 20.80
C SER B 226 5.25 24.76 20.93
N PRO B 227 5.08 24.06 22.06
CA PRO B 227 3.95 23.17 22.31
C PRO B 227 2.66 23.95 22.33
N VAL B 228 1.63 23.50 21.61
CA VAL B 228 0.30 24.09 21.78
C VAL B 228 -0.76 23.03 22.06
N THR B 229 -1.42 23.15 23.21
CA THR B 229 -2.44 22.16 23.58
C THR B 229 -3.78 22.58 23.00
N TYR B 230 -4.45 21.64 22.33
CA TYR B 230 -5.77 21.87 21.73
C TYR B 230 -6.86 22.18 22.76
N THR B 231 -7.78 23.06 22.39
CA THR B 231 -8.89 23.38 23.28
C THR B 231 -9.91 22.25 23.23
N TYR B 232 -10.70 22.15 24.30
CA TYR B 232 -11.75 21.14 24.43
C TYR B 232 -12.72 21.22 23.26
N GLU B 233 -13.01 22.45 22.82
CA GLU B 233 -13.90 22.67 21.68
C GLU B 233 -13.34 22.07 20.38
N GLN B 234 -12.01 22.09 20.25
CA GLN B 234 -11.29 21.50 19.11
C GLN B 234 -11.08 20.00 19.25
N ALA B 235 -11.13 19.52 20.49
CA ALA B 235 -10.83 18.13 20.80
C ALA B 235 -12.11 17.33 20.84
N LYS B 236 -13.23 18.04 20.89
CA LYS B 236 -14.56 17.43 21.05
C LYS B 236 -14.89 16.31 20.05
N PRO B 237 -14.81 16.57 18.73
CA PRO B 237 -15.20 15.54 17.75
C PRO B 237 -14.30 14.29 17.75
N THR B 238 -12.99 14.50 17.87
CA THR B 238 -12.04 13.41 18.01
C THR B 238 -12.28 12.62 19.31
N ILE B 239 -12.48 13.32 20.42
CA ILE B 239 -12.75 12.68 21.71
C ILE B 239 -14.01 11.82 21.69
N LYS B 240 -15.08 12.34 21.10
CA LYS B 240 -16.34 11.61 21.04
C LYS B 240 -16.13 10.31 20.27
N GLY B 241 -15.37 10.38 19.18
CA GLY B 241 -15.04 9.21 18.39
C GLY B 241 -14.24 8.19 19.21
N MET B 242 -13.40 8.67 20.12
CA MET B 242 -12.61 7.79 20.98
C MET B 242 -13.44 7.13 22.07
N LEU B 243 -14.35 7.88 22.66
CA LEU B 243 -15.16 7.37 23.75
C LEU B 243 -16.28 6.45 23.25
N GLN B 244 -16.77 6.71 22.04
CA GLN B 244 -17.76 5.85 21.42
C GLN B 244 -17.07 4.53 21.12
N GLU B 245 -15.83 4.61 20.64
CA GLU B 245 -15.03 3.43 20.42
C GLU B 245 -14.82 2.65 21.71
N LYS B 246 -14.61 3.36 22.81
CA LYS B 246 -14.38 2.71 24.09
C LYS B 246 -15.60 1.89 24.49
N LEU B 247 -16.79 2.44 24.28
CA LEU B 247 -18.03 1.72 24.60
C LEU B 247 -18.24 0.50 23.72
N PHE B 248 -18.01 0.66 22.43
CA PHE B 248 -18.24 -0.38 21.43
C PHE B 248 -17.41 -1.61 21.75
N GLN B 249 -16.21 -1.39 22.25
CA GLN B 249 -15.33 -2.48 22.61
C GLN B 249 -15.73 -3.06 23.97
N GLU B 250 -16.23 -2.19 24.85
CA GLU B 250 -16.71 -2.66 26.14
C GLU B 250 -18.00 -3.43 25.94
N ARG B 251 -18.86 -2.92 25.06
CA ARG B 251 -20.14 -3.57 24.80
C ARG B 251 -20.00 -4.95 24.19
N MET B 252 -18.99 -5.13 23.34
CA MET B 252 -18.80 -6.43 22.72
C MET B 252 -18.37 -7.46 23.78
N ASN B 253 -17.47 -7.04 24.67
CA ASN B 253 -17.01 -7.90 25.76
C ASN B 253 -18.10 -8.24 26.76
N GLN B 254 -18.93 -7.26 27.09
CA GLN B 254 -20.06 -7.51 27.98
C GLN B 254 -20.98 -8.57 27.41
N ARG B 255 -21.43 -8.37 26.17
CA ARG B 255 -22.34 -9.32 25.53
C ARG B 255 -21.72 -10.70 25.36
N ILE B 256 -20.46 -10.73 24.95
CA ILE B 256 -19.78 -11.99 24.73
C ILE B 256 -19.71 -12.81 26.02
N GLU B 257 -19.47 -12.12 27.15
CA GLU B 257 -19.39 -12.80 28.43
C GLU B 257 -20.73 -13.38 28.86
N GLU B 258 -21.81 -12.65 28.58
CA GLU B 258 -23.15 -13.16 28.81
C GLU B 258 -23.45 -14.35 27.90
N LEU B 259 -22.94 -14.29 26.68
CA LEU B 259 -23.11 -15.36 25.71
C LEU B 259 -22.40 -16.61 26.17
N ARG B 260 -21.33 -16.42 26.95
CA ARG B 260 -20.56 -17.53 27.49
C ARG B 260 -21.36 -18.30 28.56
N LYS B 261 -22.08 -17.57 29.39
CA LYS B 261 -22.83 -18.16 30.49
C LYS B 261 -24.09 -18.88 30.03
N HIS B 262 -24.54 -18.63 28.80
CA HIS B 262 -25.73 -19.32 28.29
C HIS B 262 -25.42 -20.35 27.21
N ALA B 263 -24.17 -20.83 27.19
CA ALA B 263 -23.74 -21.79 26.20
C ALA B 263 -23.10 -23.00 26.86
N LYS B 264 -23.18 -24.14 26.18
CA LYS B 264 -22.53 -25.36 26.63
C LYS B 264 -21.11 -25.41 26.10
N ILE B 265 -20.18 -24.93 26.90
CA ILE B 265 -18.79 -24.98 26.52
C ILE B 265 -18.19 -26.19 27.22
N VAL B 266 -17.47 -26.98 26.42
CA VAL B 266 -16.83 -28.22 26.86
C VAL B 266 -15.38 -28.22 26.38
N ILE B 267 -14.44 -28.53 27.27
CA ILE B 267 -13.01 -28.57 26.89
C ILE B 267 -12.28 -29.84 27.35
#